data_1M51
#
_entry.id   1M51
#
_cell.length_a   45.407
_cell.length_b   61.067
_cell.length_c   62.007
_cell.angle_alpha   88.91
_cell.angle_beta   70.21
_cell.angle_gamma   72.62
#
_symmetry.space_group_name_H-M   'P 1'
#
loop_
_entity.id
_entity.type
_entity.pdbx_description
1 polymer 'phosphoenolpyruvate carboxykinase, cytosolic'
2 non-polymer 'MANGANESE (II) ION'
3 non-polymer 'ACETATE ION'
4 non-polymer N-[4-(1-ALLYL-3-BUTYL-2,6-DIOXO-2,3,6,7-TETRAHYDRO-1H-PURIN-8-YLMETHYL)-PHENYL]-ACETAMIDE
5 non-polymer 1,2-ETHANEDIOL
6 water water
#
_entity_poly.entity_id   1
_entity_poly.type   'polypeptide(L)'
_entity_poly.pdbx_seq_one_letter_code
;GELMPPQLQNGLNLSAKVVQGSLDSLPQAVREFLENNAELCQPDHIHICDGSEEENGRLLGQMEEEGILRRLKKYDNCWL
ALTDPRDVARIESKTVIVTQEQRDTVPIPKTGLSQLGRWMSEEDFEKAFNARFPGCMKGRTMYVIPFSMGPLGSPLSKIG
IELTDSPYVVASMRIMTRMGTPVLEALGDGEFVKCLHSVGCPLPLQKPLVNNWPCNPELTLIAHLPDRREIISFGSGYGG
NSLLGKKCFALRMASRLAKEEGWLAEHMLVLGITNPEGEKKYLAAAFPSACGKTNLAMMNPSLPGWKVECVGDDIAWMKF
DAQGHLRAINPENGFFGVAPGTSVKTNPNAIKTIQKNTIFTNVAETSDGGVYWEGIDEPLASGVTITSWKNKEWSSEDGE
PCAHPNSRFCTPASQCPIIDAAWESPEGVPIEGIIFGGRRPAGVPLVYEALSWQHGVFVGAAMRSEATAAAEHKGKIIMH
DPFAMRPFFGYNFGKYLAHWLSMAQHPAAKLPKIFHVNWFRKDKEGKFLWPGFGENSRVLEWMFNRIDGKASTKLTPIGY
IPKEDALNLKGLGHINMMELFSISKEFWDKEVEDIEKYLVDQVNADLPCEIEREILALKQRISQM
;
_entity_poly.pdbx_strand_id   A
#
loop_
_chem_comp.id
_chem_comp.type
_chem_comp.name
_chem_comp.formula
ACT non-polymer 'ACETATE ION' 'C2 H3 O2 -1'
EDO non-polymer 1,2-ETHANEDIOL 'C2 H6 O2'
MN non-polymer 'MANGANESE (II) ION' 'Mn 2'
TSX non-polymer N-[4-(1-ALLYL-3-BUTYL-2,6-DIOXO-2,3,6,7-TETRAHYDRO-1H-PURIN-8-YLMETHYL)-PHENYL]-ACETAMIDE 'C21 H25 N5 O3'
#
# COMPACT_ATOMS: atom_id res chain seq x y z
N ASN A 13 -28.56 22.14 -20.51
CA ASN A 13 -27.22 22.65 -20.06
C ASN A 13 -26.22 21.51 -19.87
N LEU A 14 -26.10 20.99 -18.64
CA LEU A 14 -25.12 19.93 -18.34
C LEU A 14 -25.36 18.65 -19.14
N SER A 15 -26.62 18.22 -19.22
CA SER A 15 -27.00 17.05 -20.02
C SER A 15 -26.36 17.02 -21.41
N ALA A 16 -26.19 18.19 -22.01
CA ALA A 16 -25.64 18.29 -23.37
C ALA A 16 -24.15 17.91 -23.47
N LYS A 17 -23.47 17.88 -22.31
CA LYS A 17 -22.04 17.51 -22.25
C LYS A 17 -21.84 16.03 -21.98
N VAL A 18 -22.90 15.33 -21.59
CA VAL A 18 -22.84 13.89 -21.27
C VAL A 18 -22.67 13.03 -22.52
N VAL A 19 -21.54 12.33 -22.58
CA VAL A 19 -21.23 11.43 -23.71
C VAL A 19 -21.44 9.94 -23.40
N GLN A 20 -21.68 9.62 -22.12
CA GLN A 20 -22.09 8.27 -21.72
C GLN A 20 -22.89 8.28 -20.42
N GLY A 21 -24.01 7.57 -20.44
CA GLY A 21 -24.87 7.47 -19.28
C GLY A 21 -25.87 8.61 -19.19
N SER A 22 -26.54 8.72 -18.05
CA SER A 22 -27.60 9.70 -17.89
C SER A 22 -27.61 10.30 -16.50
N LEU A 23 -27.66 11.62 -16.42
CA LEU A 23 -27.78 12.30 -15.14
C LEU A 23 -28.94 11.76 -14.29
N ASP A 24 -30.04 11.42 -14.96
CA ASP A 24 -31.30 11.03 -14.30
C ASP A 24 -31.18 9.73 -13.54
N SER A 25 -30.22 8.90 -13.94
CA SER A 25 -30.04 7.59 -13.34
C SER A 25 -28.92 7.64 -12.29
N LEU A 26 -28.48 8.83 -11.95
CA LEU A 26 -27.58 9.01 -10.82
C LEU A 26 -28.43 9.41 -9.63
N PRO A 27 -28.14 8.81 -8.48
CA PRO A 27 -28.74 9.23 -7.21
C PRO A 27 -28.53 10.73 -7.04
N GLN A 28 -29.49 11.43 -6.43
CA GLN A 28 -29.43 12.88 -6.33
C GLN A 28 -28.08 13.40 -5.78
N ALA A 29 -27.58 12.77 -4.73
CA ALA A 29 -26.33 13.21 -4.12
C ALA A 29 -25.10 13.04 -5.04
N VAL A 30 -25.09 11.97 -5.86
CA VAL A 30 -24.03 11.77 -6.85
C VAL A 30 -24.13 12.83 -7.94
N ARG A 31 -25.35 13.06 -8.42
CA ARG A 31 -25.62 14.11 -9.40
C ARG A 31 -25.18 15.51 -8.92
N GLU A 32 -25.46 15.86 -7.67
CA GLU A 32 -25.13 17.19 -7.16
C GLU A 32 -23.62 17.39 -7.04
N PHE A 33 -22.94 16.34 -6.59
CA PHE A 33 -21.48 16.32 -6.49
C PHE A 33 -20.88 16.51 -7.88
N LEU A 34 -21.44 15.81 -8.87
CA LEU A 34 -20.99 15.98 -10.25
C LEU A 34 -21.30 17.39 -10.80
N GLU A 35 -22.50 17.91 -10.50
CA GLU A 35 -22.92 19.21 -10.99
C GLU A 35 -22.01 20.31 -10.47
N ASN A 36 -21.79 20.34 -9.16
CA ASN A 36 -20.93 21.35 -8.55
C ASN A 36 -19.51 21.34 -9.11
N ASN A 37 -18.96 20.15 -9.32
CA ASN A 37 -17.57 20.04 -9.76
C ASN A 37 -17.36 20.22 -11.27
N ALA A 38 -18.38 19.90 -12.05
CA ALA A 38 -18.40 20.24 -13.47
C ALA A 38 -18.44 21.77 -13.65
N GLU A 39 -19.35 22.44 -12.94
CA GLU A 39 -19.43 23.92 -12.97
C GLU A 39 -18.07 24.53 -12.63
N LEU A 40 -17.39 23.94 -11.65
CA LEU A 40 -16.10 24.45 -11.18
C LEU A 40 -14.96 24.14 -12.14
N CYS A 41 -14.85 22.89 -12.55
CA CYS A 41 -13.69 22.44 -13.34
C CYS A 41 -13.84 22.71 -14.82
N GLN A 42 -15.08 22.90 -15.26
CA GLN A 42 -15.42 23.23 -16.65
C GLN A 42 -14.94 22.21 -17.69
N PRO A 43 -15.22 20.92 -17.49
CA PRO A 43 -14.82 19.93 -18.50
C PRO A 43 -15.65 20.10 -19.77
N ASP A 44 -15.08 19.73 -20.90
CA ASP A 44 -15.80 19.75 -22.16
C ASP A 44 -16.89 18.68 -22.18
N HIS A 45 -16.59 17.50 -21.63
CA HIS A 45 -17.59 16.43 -21.60
C HIS A 45 -17.64 15.69 -20.26
N ILE A 46 -18.75 14.99 -20.02
CA ILE A 46 -18.93 14.15 -18.85
C ILE A 46 -19.16 12.70 -19.30
N HIS A 47 -18.33 11.79 -18.80
CA HIS A 47 -18.47 10.38 -19.09
C HIS A 47 -18.77 9.68 -17.78
N ILE A 48 -19.96 9.09 -17.67
CA ILE A 48 -20.33 8.36 -16.46
C ILE A 48 -19.91 6.91 -16.68
N CYS A 49 -18.93 6.46 -15.90
CA CYS A 49 -18.36 5.13 -16.12
C CYS A 49 -19.32 4.03 -15.73
N ASP A 50 -19.40 3.02 -16.60
CA ASP A 50 -20.26 1.87 -16.33
C ASP A 50 -19.47 0.64 -15.87
N GLY A 51 -18.16 0.64 -16.12
CA GLY A 51 -17.30 -0.44 -15.68
C GLY A 51 -17.31 -1.68 -16.56
N SER A 52 -17.94 -1.57 -17.74
CA SER A 52 -18.04 -2.70 -18.68
C SER A 52 -16.73 -2.94 -19.43
N GLU A 53 -16.53 -4.19 -19.86
CA GLU A 53 -15.39 -4.57 -20.70
C GLU A 53 -15.31 -3.69 -21.95
N GLU A 54 -16.47 -3.42 -22.54
CA GLU A 54 -16.60 -2.62 -23.76
C GLU A 54 -16.07 -1.21 -23.54
N GLU A 55 -16.48 -0.59 -22.43
CA GLU A 55 -15.99 0.73 -22.05
C GLU A 55 -14.47 0.71 -21.88
N ASN A 56 -13.97 -0.35 -21.22
CA ASN A 56 -12.54 -0.49 -20.99
C ASN A 56 -11.79 -0.56 -22.30
N GLY A 57 -12.27 -1.43 -23.20
CA GLY A 57 -11.70 -1.54 -24.54
C GLY A 57 -11.63 -0.19 -25.23
N ARG A 58 -12.73 0.56 -25.17
CA ARG A 58 -12.80 1.90 -25.77
C ARG A 58 -11.78 2.86 -25.19
N LEU A 59 -11.65 2.90 -23.86
CA LEU A 59 -10.73 3.82 -23.20
C LEU A 59 -9.27 3.45 -23.44
N LEU A 60 -8.99 2.15 -23.54
CA LEU A 60 -7.65 1.66 -23.87
C LEU A 60 -7.29 2.06 -25.30
N GLY A 61 -8.21 1.84 -26.24
CA GLY A 61 -8.06 2.28 -27.62
C GLY A 61 -7.79 3.77 -27.74
N GLN A 62 -8.63 4.59 -27.10
CA GLN A 62 -8.44 6.04 -27.10
C GLN A 62 -7.08 6.44 -26.56
N MET A 63 -6.68 5.81 -25.45
CA MET A 63 -5.38 6.10 -24.82
C MET A 63 -4.20 5.72 -25.74
N GLU A 64 -4.36 4.63 -26.50
CA GLU A 64 -3.37 4.23 -27.50
C GLU A 64 -3.23 5.30 -28.62
N GLU A 65 -4.37 5.80 -29.12
CA GLU A 65 -4.40 6.88 -30.13
C GLU A 65 -3.69 8.14 -29.66
N GLU A 66 -3.82 8.43 -28.37
CA GLU A 66 -3.33 9.67 -27.80
C GLU A 66 -1.88 9.59 -27.30
N GLY A 67 -1.31 8.38 -27.31
CA GLY A 67 0.08 8.19 -26.92
C GLY A 67 0.29 7.90 -25.44
N ILE A 68 -0.80 7.85 -24.67
CA ILE A 68 -0.73 7.54 -23.23
C ILE A 68 -0.34 6.07 -22.96
N LEU A 69 -0.88 5.15 -23.76
CA LEU A 69 -0.52 3.74 -23.65
C LEU A 69 0.01 3.18 -24.98
N ARG A 70 0.94 2.23 -24.85
CA ARG A 70 1.35 1.37 -25.94
C ARG A 70 0.83 -0.03 -25.65
N ARG A 71 0.54 -0.78 -26.69
CA ARG A 71 0.12 -2.18 -26.58
C ARG A 71 1.35 -3.06 -26.42
N LEU A 72 1.27 -4.01 -25.47
CA LEU A 72 2.32 -5.01 -25.31
C LEU A 72 1.90 -6.32 -25.96
N LYS A 73 2.32 -6.48 -27.23
CA LYS A 73 1.76 -7.52 -28.09
C LYS A 73 2.20 -8.93 -27.69
N LYS A 74 3.21 -9.03 -26.81
CA LYS A 74 3.68 -10.34 -26.38
C LYS A 74 2.63 -11.05 -25.54
N TYR A 75 1.68 -10.28 -25.02
CA TYR A 75 0.71 -10.78 -24.04
C TYR A 75 -0.74 -10.56 -24.47
N ASP A 76 -1.64 -11.16 -23.71
CA ASP A 76 -3.07 -10.97 -23.87
C ASP A 76 -3.50 -9.71 -23.13
N ASN A 77 -3.84 -8.65 -23.89
CA ASN A 77 -4.44 -7.41 -23.36
C ASN A 77 -3.59 -6.73 -22.26
N CYS A 78 -2.29 -6.57 -22.53
CA CYS A 78 -1.41 -5.80 -21.63
C CYS A 78 -0.93 -4.49 -22.26
N TRP A 79 -0.82 -3.46 -21.44
CA TRP A 79 -0.53 -2.12 -21.92
C TRP A 79 0.53 -1.45 -21.05
N LEU A 80 1.12 -0.38 -21.57
CA LEU A 80 2.27 0.24 -20.93
C LEU A 80 2.10 1.76 -20.95
N ALA A 81 2.10 2.36 -19.77
CA ALA A 81 2.07 3.81 -19.67
C ALA A 81 3.49 4.29 -19.33
N LEU A 82 3.96 5.31 -20.05
CA LEU A 82 5.21 5.97 -19.67
C LEU A 82 4.90 7.40 -19.21
N THR A 83 5.47 7.80 -18.08
CA THR A 83 5.10 9.07 -17.48
C THR A 83 6.12 10.15 -17.75
N ASP A 84 5.74 11.38 -17.42
CA ASP A 84 6.68 12.45 -17.19
C ASP A 84 7.55 12.02 -15.98
N PRO A 85 8.89 12.09 -16.11
CA PRO A 85 9.79 11.71 -15.01
C PRO A 85 9.58 12.52 -13.73
N ARG A 86 8.88 13.64 -13.82
CA ARG A 86 8.62 14.46 -12.64
C ARG A 86 7.45 13.90 -11.83
N ASP A 87 6.78 12.90 -12.37
CA ASP A 87 5.55 12.39 -11.77
C ASP A 87 5.61 10.87 -11.70
N VAL A 88 6.32 10.34 -10.71
CA VAL A 88 6.69 8.93 -10.71
C VAL A 88 6.47 8.27 -9.35
N ALA A 89 6.05 9.08 -8.38
CA ALA A 89 5.94 8.62 -7.00
C ALA A 89 5.00 9.53 -6.25
N ARG A 90 4.54 9.09 -5.09
CA ARG A 90 3.77 10.02 -4.28
C ARG A 90 4.73 10.99 -3.58
N ILE A 91 4.30 12.24 -3.41
CA ILE A 91 5.13 13.24 -2.75
C ILE A 91 4.54 13.51 -1.38
N GLU A 92 5.25 13.08 -0.35
CA GLU A 92 4.82 13.26 1.02
C GLU A 92 4.67 14.74 1.34
N SER A 93 5.65 15.54 0.89
CA SER A 93 5.67 17.00 1.01
C SER A 93 4.36 17.64 0.66
N LYS A 94 3.72 17.10 -0.39
CA LYS A 94 2.56 17.74 -1.01
C LYS A 94 1.28 17.01 -0.66
N THR A 95 1.35 16.21 0.41
CA THR A 95 0.24 15.37 0.86
C THR A 95 -0.18 15.85 2.22
N VAL A 96 -1.42 16.30 2.32
CA VAL A 96 -1.87 17.01 3.50
C VAL A 96 -3.21 16.51 4.01
N ILE A 97 -3.44 16.67 5.31
CA ILE A 97 -4.75 16.45 5.90
C ILE A 97 -5.25 17.77 6.53
N VAL A 98 -6.51 18.10 6.29
CA VAL A 98 -7.09 19.39 6.67
C VAL A 98 -8.12 19.20 7.79
N THR A 99 -7.83 19.78 8.96
CA THR A 99 -8.70 19.79 10.14
C THR A 99 -8.66 21.16 10.82
N GLN A 100 -9.72 21.50 11.58
CA GLN A 100 -9.75 22.74 12.38
C GLN A 100 -8.48 22.91 13.21
N GLU A 101 -8.07 21.82 13.87
CA GLU A 101 -6.97 21.81 14.82
C GLU A 101 -5.81 20.90 14.36
N GLN A 102 -4.60 21.46 14.39
CA GLN A 102 -3.40 20.70 13.99
C GLN A 102 -3.19 19.38 14.75
N ARG A 103 -3.42 19.39 16.07
CA ARG A 103 -3.22 18.24 16.94
C ARG A 103 -4.08 17.01 16.54
N ASP A 104 -5.23 17.26 15.91
CA ASP A 104 -6.10 16.16 15.46
C ASP A 104 -5.49 15.40 14.28
N THR A 105 -4.56 16.04 13.56
CA THR A 105 -3.86 15.49 12.39
C THR A 105 -2.47 14.91 12.69
N VAL A 106 -1.65 15.67 13.41
CA VAL A 106 -0.32 15.24 13.82
C VAL A 106 -0.05 15.69 15.25
N PRO A 107 0.76 14.93 16.00
CA PRO A 107 1.25 15.42 17.29
C PRO A 107 2.14 16.65 17.06
N ILE A 108 2.12 17.57 18.02
CA ILE A 108 3.09 18.66 18.00
C ILE A 108 4.42 18.15 18.56
N PRO A 109 5.45 18.14 17.72
CA PRO A 109 6.74 17.57 18.12
C PRO A 109 7.46 18.40 19.20
N LYS A 110 8.42 17.80 19.90
CA LYS A 110 9.24 18.52 20.87
C LYS A 110 10.25 19.43 20.16
N THR A 111 10.84 18.93 19.07
CA THR A 111 11.80 19.67 18.26
C THR A 111 11.57 19.31 16.81
N GLY A 112 12.08 20.16 15.91
CA GLY A 112 11.95 19.90 14.49
C GLY A 112 10.52 19.98 13.98
N LEU A 113 10.35 19.57 12.72
CA LEU A 113 9.04 19.43 12.09
C LEU A 113 8.57 18.00 12.25
N SER A 114 7.26 17.81 12.35
CA SER A 114 6.66 16.48 12.40
C SER A 114 7.03 15.63 11.21
N GLN A 115 7.40 14.38 11.48
CA GLN A 115 7.57 13.38 10.42
C GLN A 115 6.37 12.41 10.39
N LEU A 116 5.30 12.75 11.10
CA LEU A 116 4.15 11.83 11.25
C LEU A 116 2.92 12.22 10.40
N GLY A 117 3.16 13.09 9.43
CA GLY A 117 2.13 13.55 8.51
C GLY A 117 2.24 15.04 8.28
N ARG A 118 1.34 15.60 7.48
CA ARG A 118 1.39 17.04 7.22
C ARG A 118 0.01 17.66 7.27
N TRP A 119 -0.11 18.70 8.09
CA TRP A 119 -1.37 19.41 8.31
C TRP A 119 -1.43 20.70 7.52
N MET A 120 -2.64 21.04 7.06
CA MET A 120 -2.90 22.31 6.40
C MET A 120 -4.18 22.84 7.01
N SER A 121 -4.19 24.13 7.36
CA SER A 121 -5.40 24.77 7.88
C SER A 121 -6.51 24.82 6.82
N GLU A 122 -7.76 24.85 7.28
CA GLU A 122 -8.92 25.01 6.38
C GLU A 122 -8.75 26.26 5.50
N GLU A 123 -8.25 27.33 6.11
CA GLU A 123 -8.03 28.59 5.42
C GLU A 123 -6.99 28.45 4.32
N ASP A 124 -5.83 27.88 4.65
CA ASP A 124 -4.78 27.67 3.66
C ASP A 124 -5.25 26.72 2.55
N PHE A 125 -6.04 25.71 2.90
CA PHE A 125 -6.49 24.79 1.87
C PHE A 125 -7.53 25.43 0.95
N GLU A 126 -8.44 26.22 1.48
CA GLU A 126 -9.35 26.94 0.60
C GLU A 126 -8.59 27.83 -0.41
N LYS A 127 -7.55 28.54 0.04
CA LYS A 127 -6.67 29.30 -0.85
C LYS A 127 -5.99 28.41 -1.90
N ALA A 128 -5.43 27.28 -1.45
CA ALA A 128 -4.73 26.34 -2.34
C ALA A 128 -5.68 25.72 -3.39
N PHE A 129 -6.93 25.48 -3.01
CA PHE A 129 -7.93 24.90 -3.90
C PHE A 129 -8.33 25.88 -5.01
N ASN A 130 -8.54 27.14 -4.64
CA ASN A 130 -8.96 28.16 -5.61
C ASN A 130 -7.87 28.54 -6.61
N ALA A 131 -6.61 28.36 -6.23
CA ALA A 131 -5.48 28.58 -7.14
C ALA A 131 -5.22 27.40 -8.09
N ARG A 132 -6.01 26.33 -7.97
CA ARG A 132 -5.80 25.13 -8.76
C ARG A 132 -7.01 24.70 -9.59
N PHE A 133 -8.16 24.50 -8.93
CA PHE A 133 -9.28 23.78 -9.56
C PHE A 133 -10.21 24.52 -10.56
N PRO A 134 -10.44 25.84 -10.44
CA PRO A 134 -11.34 26.52 -11.38
C PRO A 134 -10.84 26.43 -12.82
N GLY A 135 -11.68 25.94 -13.74
CA GLY A 135 -11.27 25.74 -15.13
C GLY A 135 -10.23 24.65 -15.42
N CYS A 136 -9.88 23.80 -14.45
CA CYS A 136 -8.76 22.85 -14.62
C CYS A 136 -8.97 21.72 -15.65
N MET A 137 -10.23 21.44 -15.98
CA MET A 137 -10.57 20.35 -16.91
C MET A 137 -10.98 20.87 -18.30
N LYS A 138 -10.73 22.15 -18.55
CA LYS A 138 -11.07 22.71 -19.84
C LYS A 138 -10.39 21.95 -20.97
N GLY A 139 -11.19 21.55 -21.95
CA GLY A 139 -10.70 20.78 -23.07
C GLY A 139 -10.66 19.29 -22.78
N ARG A 140 -11.13 18.88 -21.61
CA ARG A 140 -11.05 17.46 -21.26
C ARG A 140 -12.40 16.88 -20.85
N THR A 141 -12.46 15.56 -20.85
CA THR A 141 -13.63 14.85 -20.36
C THR A 141 -13.48 14.60 -18.87
N MET A 142 -14.54 14.87 -18.12
CA MET A 142 -14.59 14.47 -16.72
C MET A 142 -15.24 13.10 -16.60
N TYR A 143 -14.50 12.15 -16.03
CA TYR A 143 -14.99 10.79 -15.88
C TYR A 143 -15.57 10.64 -14.49
N VAL A 144 -16.69 9.93 -14.38
CA VAL A 144 -17.35 9.71 -13.09
C VAL A 144 -17.19 8.25 -12.73
N ILE A 145 -16.36 7.99 -11.71
CA ILE A 145 -16.05 6.62 -11.33
C ILE A 145 -16.75 6.20 -10.04
N PRO A 146 -17.80 5.40 -10.15
CA PRO A 146 -18.42 4.82 -8.94
C PRO A 146 -17.60 3.60 -8.53
N PHE A 147 -17.06 3.59 -7.31
CA PHE A 147 -16.24 2.46 -6.90
C PHE A 147 -16.55 1.99 -5.48
N SER A 148 -16.39 0.67 -5.27
CA SER A 148 -16.56 0.05 -3.97
C SER A 148 -15.22 -0.42 -3.47
N MET A 149 -14.89 -0.05 -2.24
CA MET A 149 -13.69 -0.53 -1.53
C MET A 149 -14.21 -1.67 -0.65
N GLY A 150 -13.73 -2.90 -0.89
CA GLY A 150 -14.35 -4.10 -0.33
C GLY A 150 -15.45 -4.67 -1.24
N PRO A 151 -15.80 -5.94 -1.04
CA PRO A 151 -16.74 -6.65 -1.94
C PRO A 151 -18.08 -5.95 -2.12
N LEU A 152 -18.57 -5.93 -3.36
CA LEU A 152 -19.81 -5.26 -3.72
C LEU A 152 -20.95 -5.76 -2.84
N GLY A 153 -21.26 -5.00 -1.76
CA GLY A 153 -22.20 -5.42 -0.72
C GLY A 153 -21.63 -5.36 0.71
N SER A 154 -21.98 -4.30 1.45
CA SER A 154 -21.49 -4.05 2.82
C SER A 154 -20.99 -5.31 3.54
N SER A 157 -18.35 -2.65 3.49
CA SER A 157 -17.75 -2.02 2.31
C SER A 157 -18.03 -0.52 2.26
N LYS A 158 -17.13 0.23 1.63
CA LYS A 158 -17.36 1.68 1.47
C LYS A 158 -17.25 2.07 0.02
N ILE A 159 -18.17 2.93 -0.39
CA ILE A 159 -18.27 3.38 -1.76
C ILE A 159 -17.77 4.81 -1.87
N GLY A 160 -17.18 5.13 -3.01
CA GLY A 160 -16.80 6.49 -3.33
C GLY A 160 -17.18 6.84 -4.74
N ILE A 161 -17.17 8.13 -5.03
CA ILE A 161 -17.29 8.58 -6.41
C ILE A 161 -16.06 9.40 -6.71
N GLU A 162 -15.23 8.95 -7.66
CA GLU A 162 -14.08 9.73 -8.12
C GLU A 162 -14.34 10.43 -9.46
N LEU A 163 -14.18 11.73 -9.44
CA LEU A 163 -14.22 12.53 -10.66
C LEU A 163 -12.76 12.74 -11.07
N THR A 164 -12.48 12.49 -12.33
CA THR A 164 -11.12 12.61 -12.84
C THR A 164 -11.14 13.04 -14.30
N ASP A 165 -10.08 13.73 -14.73
CA ASP A 165 -9.90 14.00 -16.16
C ASP A 165 -8.84 13.08 -16.77
N SER A 166 -8.60 11.95 -16.08
CA SER A 166 -7.57 11.01 -16.55
C SER A 166 -8.15 9.62 -16.87
N PRO A 167 -8.12 9.24 -18.15
CA PRO A 167 -8.55 7.89 -18.55
C PRO A 167 -7.60 6.80 -18.01
N TYR A 168 -6.34 7.13 -17.75
CA TYR A 168 -5.39 6.20 -17.10
C TYR A 168 -5.89 5.81 -15.70
N VAL A 169 -6.34 6.81 -14.96
CA VAL A 169 -6.99 6.61 -13.67
C VAL A 169 -8.24 5.75 -13.81
N VAL A 170 -9.10 6.05 -14.78
CA VAL A 170 -10.28 5.19 -14.97
C VAL A 170 -9.90 3.70 -15.08
N ALA A 171 -9.03 3.38 -16.02
CA ALA A 171 -8.67 2.00 -16.33
C ALA A 171 -7.97 1.31 -15.14
N SER A 172 -7.19 2.07 -14.39
CA SER A 172 -6.50 1.56 -13.21
C SER A 172 -7.48 1.32 -12.06
N MET A 173 -8.43 2.24 -11.88
CA MET A 173 -9.51 2.08 -10.92
C MET A 173 -10.36 0.85 -11.18
N ARG A 174 -10.55 0.50 -12.46
CA ARG A 174 -11.36 -0.67 -12.82
C ARG A 174 -10.71 -1.95 -12.30
N ILE A 175 -9.39 -1.98 -12.33
CA ILE A 175 -8.62 -3.10 -11.81
C ILE A 175 -8.54 -3.02 -10.27
N MET A 176 -8.15 -1.86 -9.73
CA MET A 176 -7.87 -1.72 -8.31
C MET A 176 -9.09 -1.61 -7.39
N THR A 177 -10.26 -1.39 -7.97
CA THR A 177 -11.50 -1.36 -7.17
C THR A 177 -12.60 -2.11 -7.93
N ARG A 178 -13.73 -2.36 -7.27
CA ARG A 178 -14.95 -2.71 -7.98
C ARG A 178 -15.54 -1.41 -8.51
N MET A 179 -15.75 -1.35 -9.82
CA MET A 179 -16.07 -0.09 -10.48
C MET A 179 -17.28 -0.19 -11.43
N GLY A 180 -18.14 0.83 -11.44
CA GLY A 180 -19.10 0.99 -12.52
C GLY A 180 -20.57 1.00 -12.12
N THR A 181 -21.46 0.64 -13.06
CA THR A 181 -22.92 0.62 -12.83
C THR A 181 -23.40 -0.17 -11.58
N PRO A 182 -22.91 -1.40 -11.38
CA PRO A 182 -23.28 -2.18 -10.19
C PRO A 182 -23.00 -1.47 -8.85
N VAL A 183 -21.96 -0.61 -8.83
CA VAL A 183 -21.63 0.17 -7.64
C VAL A 183 -22.69 1.26 -7.37
N LEU A 184 -23.10 1.96 -8.42
CA LEU A 184 -24.20 2.92 -8.32
C LEU A 184 -25.48 2.23 -7.85
N GLU A 185 -25.70 1.04 -8.38
CA GLU A 185 -26.85 0.25 -7.97
C GLU A 185 -26.79 -0.13 -6.49
N ALA A 186 -25.64 -0.58 -6.03
CA ALA A 186 -25.50 -0.90 -4.61
C ALA A 186 -25.53 0.37 -3.73
N LEU A 187 -25.08 1.50 -4.26
CA LEU A 187 -25.05 2.75 -3.49
C LEU A 187 -26.44 3.31 -3.12
N GLY A 188 -27.35 3.34 -4.10
CA GLY A 188 -28.65 3.96 -3.93
C GLY A 188 -28.46 5.37 -3.42
N ASP A 189 -29.20 5.75 -2.39
CA ASP A 189 -29.06 7.09 -1.78
C ASP A 189 -28.14 7.09 -0.54
N GLY A 190 -27.30 6.07 -0.41
CA GLY A 190 -26.30 6.00 0.66
C GLY A 190 -25.26 7.12 0.56
N GLU A 191 -24.47 7.27 1.59
CA GLU A 191 -23.36 8.22 1.50
C GLU A 191 -22.16 7.61 0.79
N PHE A 192 -21.32 8.49 0.29
CA PHE A 192 -20.13 8.10 -0.43
C PHE A 192 -19.02 9.07 -0.12
N VAL A 193 -17.77 8.61 -0.26
CA VAL A 193 -16.66 9.54 -0.14
C VAL A 193 -16.51 10.28 -1.46
N LYS A 194 -16.43 11.60 -1.36
CA LYS A 194 -16.30 12.49 -2.50
C LYS A 194 -14.83 12.58 -2.88
N CYS A 195 -14.51 12.21 -4.12
CA CYS A 195 -13.13 12.13 -4.57
C CYS A 195 -12.93 12.94 -5.84
N LEU A 196 -12.09 13.96 -5.75
CA LEU A 196 -11.88 14.85 -6.88
C LEU A 196 -10.42 14.88 -7.30
N HIS A 197 -10.17 14.59 -8.57
CA HIS A 197 -8.79 14.50 -9.09
C HIS A 197 -8.68 15.25 -10.42
N SER A 198 -7.61 16.02 -10.58
CA SER A 198 -7.27 16.54 -11.91
C SER A 198 -5.77 16.54 -12.11
N VAL A 199 -5.35 16.18 -13.32
CA VAL A 199 -3.96 16.27 -13.76
C VAL A 199 -3.44 17.74 -13.79
N GLY A 200 -4.36 18.70 -13.80
CA GLY A 200 -3.99 20.11 -13.72
C GLY A 200 -3.41 20.70 -14.99
N CYS A 201 -3.83 20.18 -16.14
CA CYS A 201 -3.36 20.71 -17.43
C CYS A 201 -4.54 20.99 -18.35
N PRO A 202 -5.27 22.07 -18.09
CA PRO A 202 -6.39 22.45 -18.98
C PRO A 202 -5.86 22.75 -20.39
N LEU A 203 -6.63 22.38 -21.43
CA LEU A 203 -6.29 22.74 -22.81
C LEU A 203 -6.87 24.14 -23.11
N PRO A 204 -6.15 24.99 -23.85
CA PRO A 204 -4.89 24.63 -24.52
C PRO A 204 -3.73 24.52 -23.54
N LEU A 205 -2.86 23.54 -23.75
CA LEU A 205 -1.73 23.34 -22.86
C LEU A 205 -0.88 24.60 -22.75
N GLN A 206 -0.61 24.99 -21.51
CA GLN A 206 0.22 26.14 -21.19
C GLN A 206 1.68 25.75 -21.05
N LYS A 207 1.93 24.45 -21.02
CA LYS A 207 3.26 23.90 -20.80
C LYS A 207 3.46 22.62 -21.63
N PRO A 208 4.72 22.28 -21.93
CA PRO A 208 5.03 21.08 -22.71
C PRO A 208 4.51 19.76 -22.10
N LEU A 209 4.08 18.88 -23.00
CA LEU A 209 3.65 17.54 -22.66
C LEU A 209 4.79 16.58 -22.85
N VAL A 210 5.14 15.84 -21.80
CA VAL A 210 6.21 14.85 -21.83
C VAL A 210 5.56 13.47 -21.88
N ASN A 211 5.95 12.66 -22.86
CA ASN A 211 5.38 11.31 -23.09
C ASN A 211 3.86 11.27 -23.10
N ASN A 212 3.23 12.31 -23.61
CA ASN A 212 1.78 12.47 -23.60
C ASN A 212 1.14 12.31 -22.23
N TRP A 213 1.91 12.62 -21.18
CA TRP A 213 1.51 12.38 -19.80
C TRP A 213 1.33 13.72 -19.04
N PRO A 214 0.09 14.18 -18.94
CA PRO A 214 -0.21 15.44 -18.21
C PRO A 214 0.03 15.35 -16.71
N CYS A 215 0.79 16.31 -16.20
CA CYS A 215 0.95 16.52 -14.77
C CYS A 215 1.23 17.97 -14.53
N ASN A 216 1.19 18.37 -13.27
CA ASN A 216 1.50 19.73 -12.86
C ASN A 216 2.24 19.60 -11.53
N PRO A 217 3.52 19.26 -11.61
CA PRO A 217 4.33 18.94 -10.44
C PRO A 217 4.43 20.10 -9.46
N GLU A 218 4.61 21.32 -9.96
CA GLU A 218 4.68 22.52 -9.14
C GLU A 218 3.47 22.76 -8.23
N LEU A 219 2.28 22.41 -8.71
CA LEU A 219 1.03 22.59 -7.97
C LEU A 219 0.45 21.29 -7.44
N THR A 220 1.20 20.19 -7.55
CA THR A 220 0.74 18.89 -7.05
C THR A 220 0.33 19.03 -5.59
N LEU A 221 -0.85 18.54 -5.25
CA LEU A 221 -1.37 18.60 -3.88
C LEU A 221 -2.37 17.48 -3.71
N ILE A 222 -2.18 16.66 -2.70
CA ILE A 222 -3.06 15.54 -2.41
C ILE A 222 -3.64 15.80 -1.04
N ALA A 223 -4.92 16.15 -1.00
CA ALA A 223 -5.52 16.66 0.23
C ALA A 223 -6.68 15.79 0.71
N HIS A 224 -6.83 15.73 2.04
CA HIS A 224 -7.86 14.94 2.69
C HIS A 224 -8.62 15.83 3.65
N LEU A 225 -9.93 15.87 3.50
CA LEU A 225 -10.80 16.62 4.41
C LEU A 225 -11.80 15.66 5.08
N PRO A 226 -11.37 15.02 6.18
CA PRO A 226 -12.15 13.96 6.85
C PRO A 226 -13.55 14.38 7.32
N ASP A 227 -13.70 15.59 7.83
CA ASP A 227 -15.02 16.04 8.26
C ASP A 227 -16.03 16.17 7.11
N ARG A 228 -15.54 16.61 5.95
CA ARG A 228 -16.38 16.71 4.77
C ARG A 228 -16.45 15.41 3.96
N ARG A 229 -15.69 14.41 4.36
CA ARG A 229 -15.59 13.15 3.63
C ARG A 229 -15.17 13.43 2.18
N GLU A 230 -14.16 14.28 2.03
CA GLU A 230 -13.66 14.68 0.72
C GLU A 230 -12.18 14.39 0.55
N ILE A 231 -11.83 13.87 -0.62
CA ILE A 231 -10.42 13.76 -1.04
C ILE A 231 -10.27 14.54 -2.32
N ILE A 232 -9.25 15.40 -2.34
CA ILE A 232 -9.02 16.34 -3.42
C ILE A 232 -7.56 16.27 -3.83
N SER A 233 -7.33 15.89 -5.08
CA SER A 233 -5.99 15.63 -5.57
C SER A 233 -5.66 16.34 -6.89
N PHE A 234 -4.62 17.16 -6.89
CA PHE A 234 -4.29 17.98 -8.05
C PHE A 234 -2.88 17.73 -8.57
N GLY A 235 -2.74 17.57 -9.89
CA GLY A 235 -1.46 17.70 -10.56
C GLY A 235 -0.61 16.46 -10.80
N SER A 236 -1.04 15.29 -10.34
CA SER A 236 -0.27 14.06 -10.51
C SER A 236 -1.17 12.90 -10.98
N GLY A 237 -0.65 12.12 -11.92
CA GLY A 237 -1.36 10.95 -12.41
C GLY A 237 -0.88 9.67 -11.76
N TYR A 238 0.24 9.76 -11.03
CA TYR A 238 0.82 8.59 -10.38
C TYR A 238 -0.19 8.00 -9.41
N GLY A 239 -0.34 6.68 -9.47
CA GLY A 239 -1.38 5.93 -8.75
C GLY A 239 -1.58 6.19 -7.27
N GLY A 240 -0.50 6.29 -6.49
CA GLY A 240 -0.61 6.65 -5.08
C GLY A 240 -1.26 8.01 -4.87
N ASN A 241 -1.14 8.87 -5.87
CA ASN A 241 -1.69 10.22 -5.82
C ASN A 241 -3.08 10.34 -6.51
N SER A 242 -3.38 9.41 -7.41
CA SER A 242 -4.55 9.55 -8.29
C SER A 242 -5.64 8.49 -8.05
N LEU A 243 -5.23 7.32 -7.57
CA LEU A 243 -6.19 6.26 -7.30
C LEU A 243 -6.69 6.48 -5.89
N LEU A 244 -7.74 7.28 -5.79
CA LEU A 244 -8.11 7.91 -4.54
C LEU A 244 -8.73 6.95 -3.53
N GLY A 245 -9.18 5.78 -3.98
CA GLY A 245 -9.71 4.75 -3.11
C GLY A 245 -8.64 4.09 -2.24
N LYS A 246 -7.39 4.08 -2.73
CA LYS A 246 -6.32 3.25 -2.20
C LYS A 246 -5.66 3.85 -0.95
N LYS A 247 -4.60 4.65 -1.12
CA LYS A 247 -3.90 5.20 0.05
C LYS A 247 -4.71 6.31 0.68
N CYS A 248 -5.23 7.19 -0.18
CA CYS A 248 -6.00 8.36 0.28
C CYS A 248 -7.24 7.95 1.08
N PHE A 249 -8.06 7.06 0.53
CA PHE A 249 -9.24 6.67 1.27
C PHE A 249 -9.02 5.48 2.21
N ALA A 250 -8.61 4.35 1.64
CA ALA A 250 -8.57 3.08 2.40
C ALA A 250 -7.52 3.04 3.54
N LEU A 251 -6.52 3.94 3.49
CA LEU A 251 -5.59 4.11 4.61
C LEU A 251 -5.85 5.38 5.43
N ARG A 252 -5.67 6.55 4.82
CA ARG A 252 -5.73 7.81 5.57
C ARG A 252 -7.12 8.14 6.16
N MET A 253 -8.13 8.27 5.30
CA MET A 253 -9.48 8.62 5.77
C MET A 253 -10.04 7.48 6.64
N ALA A 254 -9.84 6.25 6.18
CA ALA A 254 -10.41 5.08 6.85
C ALA A 254 -9.80 4.88 8.20
N SER A 255 -8.49 5.13 8.33
CA SER A 255 -7.83 4.94 9.64
C SER A 255 -8.51 5.81 10.69
N ARG A 256 -8.98 6.98 10.25
CA ARG A 256 -9.70 7.96 11.07
C ARG A 256 -11.07 7.41 11.47
N LEU A 257 -11.83 6.96 10.47
CA LEU A 257 -13.13 6.35 10.70
C LEU A 257 -12.99 5.17 11.66
N ALA A 258 -12.02 4.30 11.39
CA ALA A 258 -11.72 3.14 12.22
C ALA A 258 -11.46 3.50 13.67
N LYS A 259 -10.67 4.55 13.89
CA LYS A 259 -10.41 5.05 15.23
C LYS A 259 -11.72 5.42 15.98
N GLU A 260 -12.64 6.02 15.24
CA GLU A 260 -13.94 6.42 15.77
C GLU A 260 -14.85 5.23 16.01
N GLU A 261 -14.84 4.27 15.10
CA GLU A 261 -15.80 3.18 15.12
C GLU A 261 -15.29 1.87 15.75
N GLY A 262 -14.08 1.87 16.30
CA GLY A 262 -13.57 0.70 16.99
C GLY A 262 -12.94 -0.39 16.14
N TRP A 263 -12.55 -0.08 14.90
CA TRP A 263 -11.82 -1.03 14.04
C TRP A 263 -10.45 -0.48 13.58
N LEU A 264 -9.82 -1.13 12.61
CA LEU A 264 -8.45 -0.78 12.22
C LEU A 264 -8.26 -0.76 10.70
N ALA A 265 -7.66 0.31 10.18
CA ALA A 265 -7.30 0.36 8.77
C ALA A 265 -5.80 0.48 8.66
N GLU A 266 -5.19 -0.55 8.05
CA GLU A 266 -3.75 -0.75 8.16
C GLU A 266 -3.07 -1.05 6.84
N HIS A 267 -1.79 -0.71 6.77
CA HIS A 267 -0.93 -0.92 5.61
C HIS A 267 -0.39 -2.34 5.65
N MET A 268 -1.30 -3.30 5.48
CA MET A 268 -0.94 -4.69 5.68
C MET A 268 -1.36 -5.58 4.52
N LEU A 269 -0.45 -6.46 4.12
CA LEU A 269 -0.79 -7.63 3.31
C LEU A 269 -1.52 -8.62 4.18
N VAL A 270 -2.34 -9.46 3.57
CA VAL A 270 -2.97 -10.55 4.29
C VAL A 270 -2.78 -11.81 3.46
N LEU A 271 -2.33 -12.88 4.13
CA LEU A 271 -2.17 -14.19 3.48
C LEU A 271 -2.74 -15.28 4.36
N GLY A 272 -3.10 -16.41 3.74
CA GLY A 272 -3.51 -17.61 4.44
C GLY A 272 -2.45 -18.69 4.28
N ILE A 273 -2.00 -19.26 5.39
CA ILE A 273 -0.98 -20.30 5.36
C ILE A 273 -1.53 -21.61 5.93
N THR A 274 -1.29 -22.71 5.23
CA THR A 274 -1.82 -24.01 5.61
C THR A 274 -0.63 -24.97 5.86
N ASN A 275 -0.63 -25.65 7.01
CA ASN A 275 0.39 -26.65 7.30
C ASN A 275 0.09 -28.01 6.60
N PRO A 276 1.00 -28.98 6.66
CA PRO A 276 0.74 -30.26 5.97
C PRO A 276 -0.45 -31.07 6.52
N GLU A 277 -0.97 -30.72 7.68
CA GLU A 277 -2.13 -31.42 8.25
C GLU A 277 -3.47 -30.72 7.97
N GLY A 278 -3.46 -29.68 7.15
CA GLY A 278 -4.69 -29.02 6.71
C GLY A 278 -5.18 -27.88 7.62
N GLU A 279 -4.40 -27.55 8.64
CA GLU A 279 -4.72 -26.44 9.53
C GLU A 279 -4.28 -25.13 8.90
N LYS A 280 -5.20 -24.16 8.89
CA LYS A 280 -5.02 -22.89 8.17
C LYS A 280 -5.14 -21.67 9.08
N LYS A 281 -4.15 -20.76 8.97
CA LYS A 281 -4.18 -19.49 9.69
C LYS A 281 -4.00 -18.33 8.71
N TYR A 282 -4.61 -17.21 9.05
CA TYR A 282 -4.39 -15.99 8.29
C TYR A 282 -3.47 -15.08 9.07
N LEU A 283 -2.52 -14.48 8.35
CA LEU A 283 -1.58 -13.53 8.94
C LEU A 283 -1.63 -12.22 8.20
N ALA A 284 -1.53 -11.12 8.94
CA ALA A 284 -1.39 -9.80 8.34
C ALA A 284 0.03 -9.29 8.58
N ALA A 285 0.62 -8.61 7.59
CA ALA A 285 1.96 -8.02 7.74
C ALA A 285 2.14 -6.60 7.18
N ALA A 286 2.74 -5.73 8.01
CA ALA A 286 3.10 -4.37 7.59
C ALA A 286 4.59 -4.21 7.42
N PHE A 287 4.99 -3.85 6.20
CA PHE A 287 6.39 -3.56 5.87
C PHE A 287 6.52 -2.20 5.19
N PRO A 288 7.59 -1.47 5.51
CA PRO A 288 7.91 -0.25 4.77
C PRO A 288 8.30 -0.65 3.35
N SER A 289 8.66 0.33 2.52
CA SER A 289 9.02 0.05 1.11
C SER A 289 10.34 -0.74 1.03
N ALA A 290 10.56 -1.33 -0.15
CA ALA A 290 11.75 -2.13 -0.47
C ALA A 290 11.95 -3.34 0.46
N CYS A 291 10.85 -3.87 0.99
CA CYS A 291 10.93 -5.08 1.82
C CYS A 291 10.27 -6.30 1.16
N GLY A 292 9.71 -6.10 -0.02
CA GLY A 292 9.07 -7.17 -0.76
C GLY A 292 7.68 -7.59 -0.28
N LYS A 293 6.90 -6.63 0.23
CA LYS A 293 5.48 -6.81 0.63
C LYS A 293 4.80 -7.88 -0.23
N THR A 294 4.72 -7.60 -1.53
CA THR A 294 3.94 -8.38 -2.49
C THR A 294 4.53 -9.77 -2.68
N ASN A 295 5.86 -9.86 -2.64
CA ASN A 295 6.55 -11.14 -2.76
C ASN A 295 6.17 -12.04 -1.60
N LEU A 296 5.93 -11.46 -0.43
CA LEU A 296 5.49 -12.28 0.71
C LEU A 296 3.98 -12.58 0.64
N ALA A 297 3.20 -11.61 0.17
CA ALA A 297 1.76 -11.78 0.05
C ALA A 297 1.37 -13.00 -0.82
N MET A 298 2.09 -13.22 -1.92
CA MET A 298 1.84 -14.39 -2.77
C MET A 298 3.04 -15.33 -2.87
N MET A 299 3.79 -15.45 -1.79
CA MET A 299 4.95 -16.33 -1.74
C MET A 299 4.58 -17.78 -2.08
N ASN A 300 5.42 -18.43 -2.87
CA ASN A 300 5.38 -19.87 -3.10
C ASN A 300 6.35 -20.49 -2.09
N PRO A 301 5.82 -21.21 -1.11
CA PRO A 301 6.62 -21.74 0.01
C PRO A 301 7.46 -22.96 -0.39
N SER A 302 8.71 -23.02 0.09
CA SER A 302 9.63 -24.11 -0.20
C SER A 302 9.36 -25.39 0.61
N LEU A 303 8.84 -25.26 1.83
CA LEU A 303 8.55 -26.40 2.70
C LEU A 303 7.46 -27.35 2.15
N PRO A 304 7.80 -28.63 2.03
CA PRO A 304 6.86 -29.62 1.49
C PRO A 304 5.58 -29.68 2.32
N GLY A 305 4.44 -29.74 1.65
CA GLY A 305 3.16 -29.86 2.34
C GLY A 305 2.49 -28.55 2.77
N TRP A 306 3.24 -27.46 2.72
CA TRP A 306 2.70 -26.16 3.08
C TRP A 306 2.05 -25.46 1.91
N LYS A 307 1.10 -24.59 2.22
CA LYS A 307 0.35 -23.86 1.22
C LYS A 307 0.23 -22.42 1.68
N VAL A 308 0.47 -21.49 0.77
CA VAL A 308 0.25 -20.08 1.03
C VAL A 308 -0.71 -19.55 -0.01
N GLU A 309 -1.68 -18.77 0.46
CA GLU A 309 -2.69 -18.17 -0.41
C GLU A 309 -2.77 -16.69 -0.07
N CYS A 310 -3.06 -15.86 -1.07
CA CYS A 310 -3.03 -14.40 -0.95
C CYS A 310 -4.42 -13.80 -0.79
N VAL A 311 -4.60 -12.99 0.25
CA VAL A 311 -5.85 -12.23 0.40
C VAL A 311 -5.69 -10.80 -0.15
N GLY A 312 -4.52 -10.20 0.10
CA GLY A 312 -4.19 -8.85 -0.32
C GLY A 312 -2.72 -8.56 -0.09
N ASP A 313 -2.15 -7.64 -0.87
CA ASP A 313 -0.75 -7.28 -0.75
C ASP A 313 -0.50 -5.86 -0.23
N ASP A 314 -1.54 -5.09 0.11
CA ASP A 314 -1.35 -3.68 0.50
C ASP A 314 -2.11 -3.17 1.70
N ILE A 315 -3.43 -3.30 1.69
CA ILE A 315 -4.26 -2.70 2.73
C ILE A 315 -5.18 -3.73 3.41
N ALA A 316 -5.31 -3.64 4.73
CA ALA A 316 -6.25 -4.50 5.46
C ALA A 316 -7.19 -3.67 6.32
N TRP A 317 -8.50 -3.97 6.23
CA TRP A 317 -9.50 -3.47 7.19
C TRP A 317 -9.87 -4.57 8.19
N MET A 318 -9.68 -4.26 9.46
CA MET A 318 -9.74 -5.27 10.49
C MET A 318 -10.73 -4.85 11.56
N LYS A 319 -11.64 -5.75 11.90
CA LYS A 319 -12.73 -5.44 12.81
C LYS A 319 -13.06 -6.68 13.65
N PHE A 320 -13.20 -6.50 14.98
CA PHE A 320 -13.56 -7.60 15.88
C PHE A 320 -14.90 -8.17 15.50
N ASP A 321 -15.01 -9.49 15.43
CA ASP A 321 -16.32 -10.11 15.28
C ASP A 321 -16.97 -10.34 16.68
N ALA A 322 -18.15 -10.94 16.73
CA ALA A 322 -18.84 -11.21 17.99
C ALA A 322 -18.07 -12.13 18.96
N GLN A 323 -17.16 -12.96 18.45
CA GLN A 323 -16.34 -13.82 19.33
C GLN A 323 -14.97 -13.19 19.68
N GLY A 324 -14.80 -11.91 19.36
CA GLY A 324 -13.54 -11.21 19.56
C GLY A 324 -12.40 -11.55 18.61
N HIS A 325 -12.67 -12.20 17.48
CA HIS A 325 -11.60 -12.39 16.48
C HIS A 325 -11.51 -11.14 15.61
N LEU A 326 -10.28 -10.71 15.34
CA LEU A 326 -10.02 -9.63 14.41
C LEU A 326 -10.18 -10.18 13.00
N ARG A 327 -11.21 -9.68 12.30
CA ARG A 327 -11.48 -10.08 10.94
C ARG A 327 -10.93 -9.05 9.96
N ALA A 328 -10.28 -9.52 8.91
CA ALA A 328 -9.71 -8.65 7.88
C ALA A 328 -10.39 -8.78 6.53
N ILE A 329 -10.67 -7.64 5.90
CA ILE A 329 -10.98 -7.64 4.47
C ILE A 329 -9.96 -6.79 3.72
N ASN A 330 -9.62 -7.27 2.52
CA ASN A 330 -8.83 -6.50 1.57
C ASN A 330 -9.84 -5.63 0.82
N PRO A 331 -9.76 -4.32 1.04
CA PRO A 331 -10.68 -3.40 0.40
C PRO A 331 -10.38 -3.18 -1.11
N GLU A 332 -9.26 -3.71 -1.58
CA GLU A 332 -8.87 -3.57 -2.97
C GLU A 332 -9.33 -4.74 -3.83
N ASN A 333 -9.23 -4.53 -5.14
CA ASN A 333 -9.67 -5.49 -6.17
C ASN A 333 -8.50 -5.98 -7.02
N GLY A 334 -7.29 -5.58 -6.63
CA GLY A 334 -6.10 -5.82 -7.43
C GLY A 334 -4.78 -5.62 -6.70
N PHE A 335 -3.71 -5.78 -7.47
CA PHE A 335 -2.37 -5.54 -6.97
C PHE A 335 -1.72 -4.43 -7.78
N PHE A 336 -1.24 -3.43 -7.08
CA PHE A 336 -0.47 -2.35 -7.67
C PHE A 336 0.98 -2.54 -7.17
N GLY A 337 1.67 -3.49 -7.80
CA GLY A 337 2.94 -4.01 -7.32
C GLY A 337 4.15 -3.33 -7.94
N VAL A 338 5.23 -3.26 -7.15
CA VAL A 338 6.51 -2.78 -7.63
C VAL A 338 7.03 -3.79 -8.64
N ALA A 339 7.39 -3.33 -9.84
CA ALA A 339 7.82 -4.24 -10.91
C ALA A 339 9.26 -4.75 -10.79
N PRO A 340 10.25 -3.87 -10.65
CA PRO A 340 11.65 -4.30 -10.58
C PRO A 340 11.88 -5.29 -9.45
N GLY A 341 12.73 -6.28 -9.68
CA GLY A 341 12.93 -7.36 -8.72
C GLY A 341 11.94 -8.52 -8.86
N THR A 342 10.95 -8.40 -9.72
CA THR A 342 9.96 -9.47 -9.93
C THR A 342 10.46 -10.43 -11.02
N SER A 343 10.50 -11.72 -10.67
CA SER A 343 10.92 -12.78 -11.60
C SER A 343 10.18 -14.07 -11.26
N VAL A 344 10.43 -15.11 -12.07
CA VAL A 344 9.95 -16.45 -11.76
C VAL A 344 10.52 -16.93 -10.41
N LYS A 345 11.77 -16.57 -10.13
CA LYS A 345 12.42 -16.98 -8.88
C LYS A 345 11.90 -16.24 -7.64
N THR A 346 11.89 -14.91 -7.66
CA THR A 346 11.49 -14.13 -6.50
C THR A 346 9.97 -14.11 -6.25
N ASN A 347 9.17 -14.30 -7.31
CA ASN A 347 7.70 -14.22 -7.19
C ASN A 347 7.00 -14.89 -8.35
N PRO A 348 7.00 -16.22 -8.37
CA PRO A 348 6.38 -16.94 -9.48
C PRO A 348 4.88 -16.64 -9.56
N ASN A 349 4.21 -16.40 -8.44
CA ASN A 349 2.79 -16.10 -8.50
C ASN A 349 2.46 -14.73 -9.10
N ALA A 350 3.28 -13.71 -8.81
CA ALA A 350 3.11 -12.41 -9.47
C ALA A 350 3.29 -12.52 -10.98
N ILE A 351 4.29 -13.30 -11.41
CA ILE A 351 4.55 -13.46 -12.84
C ILE A 351 3.36 -14.08 -13.58
N LYS A 352 2.77 -15.13 -13.03
CA LYS A 352 1.57 -15.68 -13.67
C LYS A 352 0.36 -14.69 -13.63
N THR A 353 0.26 -13.91 -12.55
CA THR A 353 -0.85 -12.94 -12.42
C THR A 353 -0.81 -11.93 -13.56
N ILE A 354 0.38 -11.39 -13.82
CA ILE A 354 0.53 -10.29 -14.76
C ILE A 354 0.62 -10.67 -16.24
N GLN A 355 0.38 -11.95 -16.56
CA GLN A 355 0.41 -12.43 -17.96
C GLN A 355 -0.65 -11.81 -18.87
N LYS A 356 -1.71 -11.25 -18.30
CA LYS A 356 -2.83 -10.73 -19.07
C LYS A 356 -3.57 -9.63 -18.33
N ASN A 357 -4.29 -8.81 -19.11
CA ASN A 357 -5.18 -7.77 -18.58
C ASN A 357 -4.50 -6.87 -17.55
N THR A 358 -3.27 -6.48 -17.83
CA THR A 358 -2.47 -5.78 -16.84
C THR A 358 -1.94 -4.48 -17.42
N ILE A 359 -2.02 -3.41 -16.63
CA ILE A 359 -1.39 -2.14 -16.99
C ILE A 359 -0.05 -1.98 -16.28
N PHE A 360 0.99 -1.73 -17.05
CA PHE A 360 2.33 -1.55 -16.54
C PHE A 360 2.66 -0.07 -16.69
N THR A 361 3.43 0.46 -15.76
CA THR A 361 3.78 1.87 -15.79
C THR A 361 5.27 2.03 -15.53
N ASN A 362 5.95 2.59 -16.52
CA ASN A 362 7.36 3.01 -16.41
C ASN A 362 8.37 1.86 -16.38
N VAL A 363 7.98 0.73 -16.94
CA VAL A 363 8.89 -0.38 -17.16
C VAL A 363 9.50 -0.25 -18.57
N ALA A 364 10.50 -1.06 -18.87
CA ALA A 364 11.09 -1.10 -20.20
C ALA A 364 10.27 -2.04 -21.09
N GLU A 365 10.46 -1.91 -22.39
CA GLU A 365 9.77 -2.74 -23.38
C GLU A 365 10.78 -3.39 -24.32
N THR A 366 10.67 -4.71 -24.47
CA THR A 366 11.46 -5.45 -25.47
C THR A 366 10.90 -5.19 -26.88
N SER A 367 11.71 -5.48 -27.90
CA SER A 367 11.31 -5.23 -29.28
C SER A 367 10.20 -6.16 -29.75
N ASP A 368 10.04 -7.32 -29.11
CA ASP A 368 8.86 -8.15 -29.40
C ASP A 368 7.62 -7.80 -28.59
N GLY A 369 7.63 -6.62 -27.96
CA GLY A 369 6.46 -6.16 -27.21
C GLY A 369 6.26 -6.84 -25.87
N GLY A 370 7.34 -7.28 -25.23
CA GLY A 370 7.27 -7.77 -23.86
C GLY A 370 7.70 -6.69 -22.89
N VAL A 371 7.63 -6.98 -21.59
CA VAL A 371 8.13 -6.05 -20.59
C VAL A 371 9.52 -6.45 -20.13
N TYR A 372 10.24 -5.49 -19.57
CA TYR A 372 11.53 -5.76 -18.98
C TYR A 372 11.76 -4.84 -17.81
N TRP A 373 12.51 -5.33 -16.83
CA TRP A 373 12.97 -4.51 -15.71
C TRP A 373 14.19 -5.15 -15.06
N GLU A 374 14.88 -4.39 -14.21
CA GLU A 374 15.92 -4.92 -13.36
C GLU A 374 15.42 -6.07 -12.54
N GLY A 375 16.17 -7.16 -12.64
CA GLY A 375 15.95 -8.34 -11.82
C GLY A 375 14.85 -9.23 -12.38
N ILE A 376 14.37 -8.94 -13.58
CA ILE A 376 13.38 -9.83 -14.23
C ILE A 376 13.98 -11.23 -14.51
N ASP A 377 15.31 -11.28 -14.66
CA ASP A 377 16.05 -12.55 -14.74
C ASP A 377 15.58 -13.40 -15.92
N GLU A 378 15.32 -12.77 -17.06
CA GLU A 378 14.82 -13.47 -18.24
C GLU A 378 15.69 -13.10 -19.46
N PRO A 379 16.65 -13.98 -19.78
CA PRO A 379 17.54 -13.80 -20.94
C PRO A 379 16.79 -13.43 -22.22
N LEU A 380 17.28 -12.41 -22.91
CA LEU A 380 16.67 -11.96 -24.14
C LEU A 380 16.95 -12.97 -25.24
N ALA A 381 15.97 -13.16 -26.13
CA ALA A 381 16.18 -13.95 -27.33
C ALA A 381 17.18 -13.24 -28.24
N SER A 382 17.59 -13.91 -29.31
CA SER A 382 18.58 -13.38 -30.24
C SER A 382 18.00 -12.20 -31.04
N GLY A 383 18.66 -11.05 -30.95
CA GLY A 383 18.23 -9.86 -31.67
C GLY A 383 17.12 -9.03 -31.03
N VAL A 384 16.50 -9.55 -29.97
CA VAL A 384 15.56 -8.78 -29.16
C VAL A 384 16.34 -7.67 -28.46
N THR A 385 15.84 -6.45 -28.53
CA THR A 385 16.45 -5.31 -27.84
C THR A 385 15.44 -4.63 -26.89
N ILE A 386 15.94 -3.71 -26.07
CA ILE A 386 15.18 -3.10 -24.98
C ILE A 386 15.06 -1.61 -25.21
N THR A 387 13.83 -1.10 -25.11
CA THR A 387 13.59 0.34 -25.00
C THR A 387 13.34 0.63 -23.51
N SER A 388 14.02 1.65 -23.00
CA SER A 388 13.85 2.05 -21.61
C SER A 388 12.54 2.77 -21.37
N TRP A 389 12.24 3.00 -20.10
CA TRP A 389 11.05 3.73 -19.67
C TRP A 389 11.08 5.21 -20.05
N LYS A 390 12.24 5.74 -20.41
CA LYS A 390 12.26 7.08 -21.01
C LYS A 390 12.30 7.04 -22.54
N ASN A 391 11.82 5.94 -23.10
CA ASN A 391 11.68 5.76 -24.55
C ASN A 391 13.00 5.89 -25.31
N LYS A 392 14.05 5.34 -24.74
CA LYS A 392 15.37 5.32 -25.38
C LYS A 392 15.82 3.89 -25.53
N GLU A 393 16.59 3.63 -26.57
CA GLU A 393 17.33 2.38 -26.70
C GLU A 393 18.28 2.22 -25.50
N TRP A 394 18.35 1.00 -24.98
CA TRP A 394 19.00 0.77 -23.70
C TRP A 394 19.89 -0.45 -23.75
N SER A 395 21.04 -0.33 -23.10
CA SER A 395 21.97 -1.43 -22.91
C SER A 395 22.36 -1.41 -21.44
N SER A 396 22.99 -2.50 -20.99
CA SER A 396 23.50 -2.57 -19.61
C SER A 396 24.70 -1.66 -19.35
N GLU A 397 25.24 -1.04 -20.41
CA GLU A 397 26.41 -0.16 -20.27
C GLU A 397 26.01 1.30 -20.08
N ASP A 398 24.70 1.57 -20.05
CA ASP A 398 24.20 2.95 -19.97
C ASP A 398 24.41 3.61 -18.60
N GLY A 399 24.51 2.81 -17.53
CA GLY A 399 24.64 3.32 -16.16
C GLY A 399 23.34 3.94 -15.63
N GLU A 400 22.24 3.22 -15.83
CA GLU A 400 20.90 3.77 -15.69
C GLU A 400 19.95 2.60 -15.88
N PRO A 401 18.99 2.44 -14.98
CA PRO A 401 18.10 1.27 -15.05
C PRO A 401 17.17 1.37 -16.25
N CYS A 402 16.82 0.24 -16.85
CA CYS A 402 15.88 0.24 -17.98
C CYS A 402 14.47 0.59 -17.52
N ALA A 403 14.17 0.25 -16.26
CA ALA A 403 12.88 0.59 -15.64
C ALA A 403 13.09 1.50 -14.45
N HIS A 404 12.17 2.45 -14.26
CA HIS A 404 12.19 3.29 -13.07
C HIS A 404 12.05 2.43 -11.79
N PRO A 405 12.77 2.75 -10.71
CA PRO A 405 12.76 1.91 -9.49
C PRO A 405 11.36 1.73 -8.88
N ASN A 406 10.50 2.73 -9.10
CA ASN A 406 9.15 2.72 -8.58
C ASN A 406 8.09 2.33 -9.62
N SER A 407 8.54 1.76 -10.75
CA SER A 407 7.64 1.30 -11.81
C SER A 407 6.71 0.20 -11.31
N ARG A 408 5.57 0.03 -11.99
CA ARG A 408 4.47 -0.75 -11.43
C ARG A 408 3.73 -1.59 -12.43
N PHE A 409 3.16 -2.68 -11.92
CA PHE A 409 2.13 -3.41 -12.63
C PHE A 409 0.82 -3.22 -11.87
N CYS A 410 -0.28 -3.23 -12.61
CA CYS A 410 -1.59 -2.98 -12.03
C CYS A 410 -2.47 -4.09 -12.55
N THR A 411 -2.77 -5.05 -11.69
CA THR A 411 -3.23 -6.34 -12.17
C THR A 411 -4.42 -6.89 -11.33
N PRO A 412 -5.40 -7.53 -11.98
CA PRO A 412 -6.58 -8.02 -11.26
C PRO A 412 -6.20 -9.05 -10.21
N ALA A 413 -6.74 -8.91 -9.00
CA ALA A 413 -6.44 -9.84 -7.92
C ALA A 413 -7.00 -11.23 -8.23
N SER A 414 -8.12 -11.27 -8.95
CA SER A 414 -8.78 -12.51 -9.34
C SER A 414 -7.90 -13.40 -10.22
N GLN A 415 -6.87 -12.81 -10.84
CA GLN A 415 -5.95 -13.54 -11.71
C GLN A 415 -4.80 -14.22 -10.95
N CYS A 416 -4.61 -13.91 -9.68
CA CYS A 416 -3.56 -14.55 -8.89
C CYS A 416 -3.87 -16.04 -8.66
N PRO A 417 -2.99 -16.94 -9.10
CA PRO A 417 -3.27 -18.38 -9.05
C PRO A 417 -3.45 -18.95 -7.64
N ILE A 418 -2.98 -18.24 -6.63
CA ILE A 418 -3.16 -18.64 -5.24
C ILE A 418 -4.00 -17.61 -4.49
N ILE A 419 -4.84 -16.88 -5.23
CA ILE A 419 -5.78 -15.98 -4.59
C ILE A 419 -6.61 -16.79 -3.61
N ASP A 420 -6.79 -16.26 -2.40
CA ASP A 420 -7.47 -17.01 -1.35
C ASP A 420 -8.97 -17.16 -1.63
N ALA A 421 -9.52 -18.31 -1.29
CA ALA A 421 -10.95 -18.60 -1.52
C ALA A 421 -11.86 -17.64 -0.76
N ALA A 422 -11.37 -17.10 0.36
CA ALA A 422 -12.17 -16.13 1.11
C ALA A 422 -11.74 -14.66 0.90
N TRP A 423 -11.04 -14.36 -0.19
CA TRP A 423 -10.54 -12.99 -0.40
C TRP A 423 -11.65 -11.95 -0.58
N GLU A 424 -12.84 -12.41 -0.97
CA GLU A 424 -14.00 -11.54 -1.14
C GLU A 424 -15.12 -11.91 -0.20
N SER A 425 -14.83 -12.71 0.80
CA SER A 425 -15.86 -13.01 1.79
C SER A 425 -16.18 -11.74 2.60
N PRO A 426 -17.46 -11.38 2.66
CA PRO A 426 -17.89 -10.18 3.40
C PRO A 426 -17.78 -10.37 4.90
N GLU A 427 -17.59 -11.61 5.36
CA GLU A 427 -17.29 -11.88 6.77
C GLU A 427 -15.85 -11.52 7.13
N GLY A 428 -14.96 -11.56 6.14
CA GLY A 428 -13.54 -11.34 6.39
C GLY A 428 -12.86 -12.61 6.89
N VAL A 429 -11.56 -12.52 7.09
CA VAL A 429 -10.74 -13.65 7.48
C VAL A 429 -10.11 -13.38 8.85
N PRO A 430 -10.17 -14.38 9.75
CA PRO A 430 -9.67 -14.22 11.13
C PRO A 430 -8.14 -14.14 11.24
N ILE A 431 -7.66 -12.99 11.74
CA ILE A 431 -6.24 -12.76 11.84
C ILE A 431 -5.72 -13.37 13.14
N GLU A 432 -4.78 -14.28 13.01
CA GLU A 432 -4.24 -14.94 14.17
C GLU A 432 -2.86 -14.43 14.53
N GLY A 433 -2.22 -13.70 13.62
CA GLY A 433 -0.88 -13.14 13.84
C GLY A 433 -0.65 -11.87 13.01
N ILE A 434 -0.03 -10.87 13.65
CA ILE A 434 0.36 -9.64 12.96
C ILE A 434 1.89 -9.61 12.91
N ILE A 435 2.43 -9.40 11.71
CA ILE A 435 3.86 -9.31 11.51
C ILE A 435 4.27 -7.88 11.16
N PHE A 436 5.25 -7.36 11.87
CA PHE A 436 5.88 -6.10 11.55
C PHE A 436 7.27 -6.41 11.07
N GLY A 437 7.82 -5.57 10.20
CA GLY A 437 9.19 -5.82 9.77
C GLY A 437 9.83 -4.65 9.10
N GLY A 438 11.14 -4.73 8.90
CA GLY A 438 11.88 -3.74 8.16
C GLY A 438 13.12 -4.30 7.50
N ARG A 439 13.83 -3.40 6.81
CA ARG A 439 15.09 -3.75 6.21
C ARG A 439 16.19 -3.29 7.17
N ARG A 440 16.87 -4.24 7.80
CA ARG A 440 17.89 -3.90 8.77
C ARG A 440 19.15 -4.70 8.54
N PRO A 441 20.18 -4.06 7.97
CA PRO A 441 21.44 -4.77 7.67
C PRO A 441 22.19 -5.27 8.90
N ALA A 442 22.05 -4.58 10.04
CA ALA A 442 22.72 -5.01 11.27
C ALA A 442 21.78 -5.15 12.46
N GLY A 443 22.17 -6.01 13.42
CA GLY A 443 21.63 -6.00 14.76
C GLY A 443 20.28 -6.65 15.01
N VAL A 444 19.39 -6.62 14.01
CA VAL A 444 18.02 -7.12 14.19
C VAL A 444 17.87 -8.55 13.66
N PRO A 445 17.57 -9.48 14.58
CA PRO A 445 17.41 -10.91 14.25
C PRO A 445 16.33 -11.18 13.22
N LEU A 446 16.44 -12.33 12.56
CA LEU A 446 15.54 -12.76 11.50
C LEU A 446 14.07 -12.74 11.91
N VAL A 447 13.81 -13.17 13.14
CA VAL A 447 12.44 -13.18 13.65
C VAL A 447 12.40 -13.10 15.17
N TYR A 448 11.49 -12.29 15.69
CA TYR A 448 11.16 -12.34 17.10
C TYR A 448 9.70 -12.09 17.36
N GLU A 449 9.27 -12.49 18.56
CA GLU A 449 7.88 -12.45 18.98
C GLU A 449 7.76 -11.45 20.12
N ALA A 450 6.68 -10.66 20.09
CA ALA A 450 6.36 -9.72 21.15
C ALA A 450 6.07 -10.47 22.47
N LEU A 451 6.38 -9.82 23.59
CA LEU A 451 6.13 -10.37 24.93
C LEU A 451 4.70 -10.24 25.39
N SER A 452 3.97 -9.28 24.82
CA SER A 452 2.60 -8.96 25.22
C SER A 452 2.02 -8.05 24.16
N TRP A 453 0.71 -7.80 24.22
CA TRP A 453 0.07 -6.86 23.29
C TRP A 453 0.71 -5.48 23.32
N GLN A 454 0.88 -4.96 24.54
CA GLN A 454 1.42 -3.62 24.76
C GLN A 454 2.83 -3.51 24.16
N HIS A 455 3.62 -4.56 24.37
CA HIS A 455 4.97 -4.62 23.81
C HIS A 455 4.92 -4.72 22.29
N GLY A 456 3.94 -5.47 21.76
CA GLY A 456 3.72 -5.55 20.33
C GLY A 456 3.40 -4.21 19.66
N VAL A 457 2.57 -3.41 20.32
CA VAL A 457 2.29 -2.04 19.88
C VAL A 457 3.59 -1.19 19.84
N PHE A 458 4.41 -1.33 20.87
CA PHE A 458 5.71 -0.67 20.91
C PHE A 458 6.60 -1.13 19.75
N VAL A 459 6.58 -2.43 19.47
CA VAL A 459 7.42 -3.00 18.40
C VAL A 459 7.03 -2.37 17.06
N GLY A 460 5.71 -2.28 16.81
CA GLY A 460 5.21 -1.55 15.65
C GLY A 460 5.65 -0.08 15.65
N ALA A 461 5.47 0.58 16.80
CA ALA A 461 5.82 1.99 16.98
C ALA A 461 7.32 2.25 16.76
N ALA A 462 8.14 1.23 17.02
CA ALA A 462 9.61 1.33 16.94
C ALA A 462 10.23 1.02 15.56
N MET A 463 9.38 0.59 14.60
CA MET A 463 9.85 0.16 13.29
C MET A 463 10.78 1.17 12.59
N ARG A 464 11.95 0.70 12.15
CA ARG A 464 12.89 1.47 11.34
C ARG A 464 13.34 0.64 10.15
N SER A 465 13.73 1.28 9.07
CA SER A 465 14.06 0.57 7.84
C SER A 465 15.04 1.35 6.96
N GLU A 466 15.91 0.60 6.30
CA GLU A 466 16.88 1.16 5.35
C GLU A 466 16.22 1.54 4.02
N ALA A 467 16.38 2.80 3.61
CA ALA A 467 15.95 3.23 2.28
C ALA A 467 17.12 3.23 1.28
N LYS A 476 22.08 5.69 1.46
CA LYS A 476 21.75 4.56 2.33
C LYS A 476 21.39 5.06 3.75
N ILE A 477 20.09 5.18 4.03
CA ILE A 477 19.63 5.79 5.27
C ILE A 477 18.65 4.87 6.00
N ILE A 478 18.76 4.78 7.32
CA ILE A 478 17.73 4.10 8.10
C ILE A 478 16.73 5.12 8.71
N MET A 479 15.46 4.97 8.35
CA MET A 479 14.43 5.89 8.81
C MET A 479 13.38 5.17 9.60
N HIS A 480 12.69 5.91 10.44
CA HIS A 480 11.52 5.41 11.17
C HIS A 480 10.32 5.31 10.26
N ASP A 481 9.58 4.21 10.42
CA ASP A 481 8.31 4.06 9.72
C ASP A 481 7.35 3.19 10.54
N PRO A 482 6.81 3.77 11.62
CA PRO A 482 5.95 3.03 12.56
C PRO A 482 4.75 2.40 11.89
N PHE A 483 4.53 1.10 12.13
CA PHE A 483 3.41 0.35 11.54
C PHE A 483 3.42 0.38 10.02
N ALA A 484 4.52 0.86 9.43
CA ALA A 484 4.59 1.14 7.99
C ALA A 484 3.55 2.18 7.58
N MET A 485 3.14 3.01 8.53
CA MET A 485 2.08 3.98 8.33
C MET A 485 2.57 5.44 8.25
N ARG A 486 3.86 5.65 8.39
CA ARG A 486 4.38 7.01 8.41
C ARG A 486 3.75 7.99 7.37
N PRO A 487 3.66 7.63 6.09
CA PRO A 487 3.08 8.54 5.10
C PRO A 487 1.56 8.47 5.05
N PHE A 488 0.95 7.67 5.92
CA PHE A 488 -0.45 7.30 5.74
C PHE A 488 -1.39 7.52 6.93
N PHE A 489 -0.89 8.01 8.07
CA PHE A 489 -1.76 8.28 9.24
C PHE A 489 -2.86 9.26 8.88
N GLY A 490 -4.09 8.93 9.24
CA GLY A 490 -5.19 9.84 8.98
C GLY A 490 -5.46 10.81 10.12
N TYR A 491 -4.72 10.65 11.21
CA TYR A 491 -4.90 11.44 12.44
C TYR A 491 -3.68 11.27 13.34
N ASN A 492 -3.71 11.94 14.49
CA ASN A 492 -2.61 11.98 15.46
C ASN A 492 -2.08 10.57 15.74
N PHE A 493 -0.80 10.34 15.44
CA PHE A 493 -0.14 9.06 15.72
C PHE A 493 -0.17 8.66 17.21
N GLY A 494 -0.03 9.62 18.12
CA GLY A 494 -0.19 9.34 19.55
C GLY A 494 -1.53 8.66 19.82
N LYS A 495 -2.59 9.22 19.24
CA LYS A 495 -3.94 8.68 19.36
C LYS A 495 -4.10 7.32 18.65
N TYR A 496 -3.35 7.14 17.57
CA TYR A 496 -3.36 5.90 16.82
C TYR A 496 -2.74 4.80 17.70
N LEU A 497 -1.68 5.18 18.41
CA LEU A 497 -1.07 4.30 19.41
C LEU A 497 -2.00 3.97 20.58
N ALA A 498 -2.77 4.95 21.05
CA ALA A 498 -3.76 4.72 22.11
C ALA A 498 -4.89 3.79 21.66
N HIS A 499 -5.32 3.98 20.41
CA HIS A 499 -6.33 3.15 19.78
C HIS A 499 -5.84 1.69 19.66
N TRP A 500 -4.60 1.49 19.22
CA TRP A 500 -4.07 0.14 19.14
C TRP A 500 -4.04 -0.52 20.52
N LEU A 501 -3.52 0.20 21.52
CA LEU A 501 -3.50 -0.26 22.92
C LEU A 501 -4.88 -0.62 23.46
N SER A 502 -5.89 0.16 23.07
CA SER A 502 -7.26 -0.01 23.56
C SER A 502 -7.85 -1.38 23.18
N MET A 503 -7.25 -2.03 22.19
CA MET A 503 -7.76 -3.31 21.72
C MET A 503 -7.63 -4.45 22.74
N ALA A 504 -6.67 -4.34 23.65
CA ALA A 504 -6.53 -5.30 24.75
C ALA A 504 -7.67 -5.22 25.77
N GLN A 505 -8.50 -4.18 25.70
CA GLN A 505 -9.66 -4.03 26.59
C GLN A 505 -11.01 -4.25 25.86
N HIS A 506 -10.94 -4.63 24.58
CA HIS A 506 -12.14 -5.11 23.92
C HIS A 506 -12.60 -6.41 24.61
N PRO A 507 -13.90 -6.53 24.91
CA PRO A 507 -14.42 -7.70 25.65
C PRO A 507 -14.09 -9.00 24.95
N ALA A 508 -13.44 -9.93 25.67
CA ALA A 508 -13.09 -11.26 25.16
C ALA A 508 -12.26 -11.25 23.87
N ALA A 509 -11.45 -10.21 23.67
CA ALA A 509 -10.66 -10.08 22.46
C ALA A 509 -9.72 -11.25 22.33
N LYS A 510 -9.67 -11.85 21.14
CA LYS A 510 -8.63 -12.83 20.83
C LYS A 510 -7.58 -12.12 20.01
N LEU A 511 -6.62 -11.58 20.72
CA LEU A 511 -5.59 -10.73 20.14
C LEU A 511 -4.60 -11.58 19.36
N PRO A 512 -4.31 -11.19 18.12
CA PRO A 512 -3.25 -11.85 17.33
C PRO A 512 -1.92 -11.77 18.03
N LYS A 513 -1.13 -12.84 17.92
CA LYS A 513 0.27 -12.83 18.33
C LYS A 513 1.00 -11.83 17.40
N ILE A 514 1.96 -11.09 17.98
CA ILE A 514 2.71 -10.10 17.19
C ILE A 514 4.14 -10.51 17.01
N PHE A 515 4.64 -10.37 15.79
CA PHE A 515 6.00 -10.78 15.47
C PHE A 515 6.73 -9.65 14.76
N HIS A 516 8.06 -9.70 14.80
CA HIS A 516 8.88 -8.79 14.00
C HIS A 516 9.86 -9.61 13.19
N VAL A 517 9.96 -9.32 11.89
CA VAL A 517 10.89 -10.03 11.02
C VAL A 517 11.92 -9.11 10.34
N ASN A 518 13.05 -9.71 9.95
CA ASN A 518 14.03 -9.00 9.13
C ASN A 518 14.67 -9.98 8.17
N TRP A 519 14.27 -9.89 6.91
CA TRP A 519 14.81 -10.76 5.86
C TRP A 519 16.23 -10.31 5.46
N PHE A 520 16.68 -9.15 5.93
CA PHE A 520 17.75 -8.44 5.24
C PHE A 520 19.06 -8.27 6.02
N ARG A 521 19.19 -8.99 7.12
CA ARG A 521 20.43 -8.96 7.90
C ARG A 521 21.60 -9.45 7.03
N LYS A 522 22.73 -8.75 7.17
CA LYS A 522 23.92 -9.04 6.35
C LYS A 522 25.13 -9.44 7.22
N ASP A 523 26.09 -10.15 6.61
CA ASP A 523 27.40 -10.33 7.27
C ASP A 523 28.30 -9.14 6.98
N LYS A 524 29.51 -9.14 7.56
CA LYS A 524 30.38 -7.97 7.52
C LYS A 524 30.77 -7.57 6.09
N GLU A 525 30.66 -8.52 5.16
CA GLU A 525 30.93 -8.25 3.76
C GLU A 525 29.68 -7.82 3.01
N GLY A 526 28.58 -7.63 3.74
CA GLY A 526 27.33 -7.19 3.14
C GLY A 526 26.51 -8.28 2.46
N LYS A 527 26.83 -9.54 2.71
CA LYS A 527 26.07 -10.65 2.14
C LYS A 527 24.91 -11.00 3.06
N PHE A 528 23.77 -11.27 2.45
CA PHE A 528 22.57 -11.58 3.20
C PHE A 528 22.74 -12.87 3.98
N LEU A 529 22.41 -12.83 5.27
CA LEU A 529 22.47 -14.05 6.11
C LEU A 529 21.35 -15.08 5.86
N TRP A 530 20.22 -14.64 5.29
CA TRP A 530 19.06 -15.49 5.11
C TRP A 530 18.67 -15.51 3.64
N PRO A 531 18.47 -16.70 3.07
CA PRO A 531 18.08 -16.80 1.65
C PRO A 531 16.68 -16.22 1.32
N GLY A 532 15.75 -16.23 2.28
CA GLY A 532 14.48 -15.55 2.09
C GLY A 532 13.62 -16.14 0.99
N PHE A 533 12.80 -15.30 0.39
CA PHE A 533 11.81 -15.71 -0.61
C PHE A 533 11.00 -16.92 -0.13
N GLY A 534 10.97 -17.98 -0.93
CA GLY A 534 10.26 -19.19 -0.55
C GLY A 534 10.65 -19.80 0.79
N GLU A 535 11.92 -19.67 1.18
CA GLU A 535 12.40 -20.15 2.48
C GLU A 535 11.82 -19.38 3.68
N ASN A 536 11.20 -18.23 3.43
CA ASN A 536 10.51 -17.52 4.52
C ASN A 536 9.37 -18.35 5.12
N SER A 537 8.92 -19.37 4.37
CA SER A 537 7.96 -20.34 4.86
C SER A 537 8.42 -21.00 6.15
N ARG A 538 9.74 -21.14 6.30
CA ARG A 538 10.32 -21.67 7.55
C ARG A 538 10.06 -20.75 8.75
N VAL A 539 10.09 -19.45 8.51
CA VAL A 539 9.79 -18.49 9.57
C VAL A 539 8.29 -18.50 9.88
N LEU A 540 7.47 -18.54 8.85
CA LEU A 540 6.01 -18.59 9.05
C LEU A 540 5.60 -19.84 9.80
N GLU A 541 6.31 -20.95 9.51
CA GLU A 541 6.12 -22.21 10.24
C GLU A 541 6.32 -22.00 11.73
N TRP A 542 7.39 -21.29 12.10
CA TRP A 542 7.65 -21.05 13.51
C TRP A 542 6.54 -20.22 14.14
N MET A 543 6.15 -19.13 13.46
CA MET A 543 5.00 -18.30 13.88
C MET A 543 3.73 -19.11 14.07
N PHE A 544 3.43 -19.90 13.05
CA PHE A 544 2.25 -20.77 13.01
C PHE A 544 2.15 -21.61 14.29
N ASN A 545 3.24 -22.30 14.63
CA ASN A 545 3.26 -23.22 15.78
C ASN A 545 3.27 -22.50 17.13
N ARG A 546 3.99 -21.37 17.21
CA ARG A 546 3.90 -20.47 18.35
C ARG A 546 2.47 -20.04 18.63
N ILE A 547 1.74 -19.64 17.59
CA ILE A 547 0.32 -19.30 17.73
C ILE A 547 -0.44 -20.46 18.41
N ASP A 548 -0.04 -21.70 18.08
CA ASP A 548 -0.72 -22.90 18.56
C ASP A 548 -0.17 -23.35 19.91
N GLY A 549 0.74 -22.56 20.45
CA GLY A 549 1.25 -22.80 21.79
C GLY A 549 2.51 -23.64 21.87
N LYS A 550 3.05 -24.05 20.72
CA LYS A 550 4.31 -24.80 20.73
C LYS A 550 5.37 -24.13 21.64
N ALA A 551 5.92 -24.90 22.59
CA ALA A 551 6.97 -24.41 23.51
C ALA A 551 8.32 -24.25 22.80
N SER A 552 8.34 -23.39 21.80
CA SER A 552 9.50 -23.24 20.96
C SER A 552 10.25 -21.89 21.10
N THR A 553 9.98 -21.14 22.19
CA THR A 553 10.65 -19.86 22.46
C THR A 553 11.89 -19.93 23.36
N LYS A 554 12.79 -18.96 23.15
CA LYS A 554 13.90 -18.63 24.02
C LYS A 554 13.83 -17.14 24.37
N LEU A 555 13.90 -16.82 25.65
CA LEU A 555 13.76 -15.42 26.07
C LEU A 555 14.98 -14.57 25.75
N THR A 556 14.73 -13.37 25.22
CA THR A 556 15.77 -12.34 25.03
C THR A 556 15.22 -10.99 25.50
N PRO A 557 16.09 -9.99 25.68
CA PRO A 557 15.61 -8.65 26.05
C PRO A 557 14.60 -8.06 25.04
N ILE A 558 14.69 -8.42 23.74
CA ILE A 558 13.81 -7.84 22.71
C ILE A 558 12.48 -8.59 22.46
N GLY A 559 12.30 -9.74 23.11
CA GLY A 559 11.16 -10.61 22.87
C GLY A 559 11.60 -12.09 22.83
N TYR A 560 10.72 -12.98 22.36
CA TYR A 560 11.09 -14.38 22.12
C TYR A 560 11.69 -14.58 20.73
N ILE A 561 12.78 -15.35 20.68
CA ILE A 561 13.30 -15.85 19.42
C ILE A 561 13.08 -17.37 19.37
N PRO A 562 13.30 -17.98 18.21
CA PRO A 562 13.32 -19.45 18.14
C PRO A 562 14.38 -20.03 19.07
N LYS A 563 13.98 -21.06 19.81
CA LYS A 563 14.90 -21.81 20.65
C LYS A 563 15.84 -22.57 19.72
N GLU A 564 16.94 -23.08 20.26
CA GLU A 564 17.95 -23.73 19.43
C GLU A 564 17.39 -24.97 18.74
N ASP A 565 17.71 -25.09 17.45
CA ASP A 565 17.19 -26.17 16.60
C ASP A 565 15.68 -26.13 16.29
N ALA A 566 14.96 -25.11 16.76
CA ALA A 566 13.50 -25.03 16.54
C ALA A 566 13.11 -24.60 15.12
N LEU A 567 13.92 -23.73 14.52
CA LEU A 567 13.68 -23.30 13.16
C LEU A 567 14.07 -24.40 12.18
N ASN A 568 13.16 -24.72 11.26
CA ASN A 568 13.36 -25.80 10.29
C ASN A 568 14.34 -25.37 9.19
N LEU A 569 15.50 -26.02 9.17
CA LEU A 569 16.56 -25.73 8.20
C LEU A 569 16.80 -26.87 7.19
N LYS A 570 15.95 -27.90 7.25
CA LYS A 570 16.07 -29.06 6.37
C LYS A 570 16.02 -28.62 4.91
N GLY A 571 17.05 -28.99 4.16
CA GLY A 571 17.12 -28.69 2.73
C GLY A 571 17.85 -27.40 2.38
N LEU A 572 18.29 -26.65 3.39
CA LEU A 572 19.10 -25.45 3.13
C LEU A 572 20.57 -25.76 3.18
N GLY A 573 21.36 -24.89 2.57
CA GLY A 573 22.81 -24.93 2.70
C GLY A 573 23.13 -24.49 4.11
N HIS A 574 24.38 -24.14 4.38
CA HIS A 574 24.72 -23.63 5.70
C HIS A 574 24.08 -22.25 5.95
N ILE A 575 23.52 -22.10 7.15
CA ILE A 575 23.03 -20.82 7.63
C ILE A 575 23.77 -20.48 8.92
N ASN A 576 24.37 -19.28 8.95
CA ASN A 576 24.98 -18.79 10.17
C ASN A 576 23.90 -18.31 11.13
N MET A 577 23.26 -19.28 11.78
CA MET A 577 22.23 -19.04 12.78
C MET A 577 22.66 -18.18 13.98
N MET A 578 23.92 -18.30 14.40
CA MET A 578 24.43 -17.54 15.56
C MET A 578 24.45 -16.02 15.31
N GLU A 579 25.02 -15.62 14.16
CA GLU A 579 25.05 -14.22 13.76
C GLU A 579 23.66 -13.71 13.36
N LEU A 580 22.85 -14.58 12.74
CA LEU A 580 21.49 -14.22 12.33
C LEU A 580 20.60 -13.87 13.53
N PHE A 581 20.78 -14.59 14.64
CA PHE A 581 19.94 -14.40 15.84
C PHE A 581 20.59 -13.60 16.97
N SER A 582 21.83 -13.21 16.72
CA SER A 582 22.66 -12.44 17.63
C SER A 582 22.04 -11.10 18.09
N ILE A 583 21.96 -10.92 19.41
CA ILE A 583 21.48 -9.68 20.00
C ILE A 583 22.62 -9.06 20.83
N SER A 584 23.16 -7.96 20.32
CA SER A 584 24.30 -7.29 20.95
C SER A 584 23.85 -6.16 21.89
N LYS A 585 24.42 -6.12 23.09
CA LYS A 585 24.12 -5.07 24.07
C LYS A 585 24.39 -3.68 23.50
N GLU A 586 25.55 -3.53 22.86
CA GLU A 586 25.96 -2.26 22.27
C GLU A 586 24.96 -1.80 21.21
N PHE A 587 24.59 -2.72 20.30
CA PHE A 587 23.61 -2.39 19.26
C PHE A 587 22.28 -1.98 19.87
N TRP A 588 21.81 -2.76 20.85
CA TRP A 588 20.51 -2.53 21.45
C TRP A 588 20.43 -1.33 22.42
N ASP A 589 21.60 -0.94 22.95
CA ASP A 589 21.75 0.32 23.68
C ASP A 589 21.50 1.44 22.69
N LYS A 590 22.22 1.42 21.57
CA LYS A 590 22.05 2.43 20.53
C LYS A 590 20.61 2.44 20.01
N GLU A 591 20.01 1.25 19.86
CA GLU A 591 18.65 1.12 19.33
C GLU A 591 17.58 1.73 20.22
N VAL A 592 17.52 1.32 21.48
CA VAL A 592 16.51 1.83 22.40
C VAL A 592 16.64 3.36 22.65
N GLU A 593 17.87 3.89 22.65
CA GLU A 593 18.11 5.33 22.79
C GLU A 593 17.50 6.10 21.62
N ASP A 594 17.71 5.55 20.42
CA ASP A 594 17.16 6.10 19.20
C ASP A 594 15.63 6.00 19.21
N ILE A 595 15.07 4.89 19.69
CA ILE A 595 13.62 4.73 19.72
C ILE A 595 12.97 5.70 20.71
N GLU A 596 13.52 5.75 21.92
CA GLU A 596 13.01 6.65 22.94
C GLU A 596 13.03 8.07 22.37
N LYS A 597 14.20 8.46 21.87
CA LYS A 597 14.38 9.79 21.32
C LYS A 597 13.31 10.10 20.27
N TYR A 598 13.15 9.21 19.30
CA TYR A 598 12.15 9.42 18.25
C TYR A 598 10.71 9.58 18.80
N LEU A 599 10.28 8.65 19.65
CA LEU A 599 8.89 8.66 20.12
C LEU A 599 8.58 9.83 21.07
N VAL A 600 9.48 10.10 22.01
CA VAL A 600 9.25 11.18 22.95
C VAL A 600 9.21 12.53 22.20
N ASP A 601 10.13 12.70 21.24
CA ASP A 601 10.24 13.94 20.49
C ASP A 601 9.06 14.14 19.55
N GLN A 602 8.78 13.14 18.74
CA GLN A 602 7.78 13.26 17.68
C GLN A 602 6.36 13.09 18.19
N VAL A 603 6.17 12.28 19.22
CA VAL A 603 4.82 12.04 19.69
C VAL A 603 4.49 12.94 20.90
N ASN A 604 5.51 13.23 21.71
CA ASN A 604 5.48 14.32 22.70
C ASN A 604 4.32 14.14 23.67
N ALA A 605 3.40 15.10 23.74
CA ALA A 605 2.32 15.07 24.71
C ALA A 605 1.29 13.97 24.42
N ASP A 606 1.30 13.44 23.21
CA ASP A 606 0.34 12.41 22.84
C ASP A 606 0.81 10.96 22.96
N LEU A 607 2.05 10.76 23.41
CA LEU A 607 2.59 9.42 23.62
C LEU A 607 1.92 8.71 24.80
N PRO A 608 1.17 7.62 24.55
CA PRO A 608 0.48 6.92 25.65
C PRO A 608 1.48 6.38 26.68
N CYS A 609 1.12 6.40 27.96
CA CYS A 609 2.07 6.01 28.99
C CYS A 609 2.41 4.51 28.93
N GLU A 610 1.53 3.70 28.33
CA GLU A 610 1.87 2.30 28.12
C GLU A 610 3.11 2.17 27.25
N ILE A 611 3.26 3.07 26.29
CA ILE A 611 4.43 3.04 25.40
C ILE A 611 5.67 3.53 26.15
N GLU A 612 5.52 4.58 26.97
CA GLU A 612 6.59 5.03 27.86
C GLU A 612 7.09 3.86 28.71
N ARG A 613 6.16 3.08 29.25
CA ARG A 613 6.50 1.91 30.06
C ARG A 613 7.25 0.86 29.27
N GLU A 614 6.82 0.59 28.04
CA GLU A 614 7.54 -0.36 27.18
C GLU A 614 8.95 0.13 26.83
N ILE A 615 9.11 1.44 26.67
CA ILE A 615 10.45 1.96 26.36
C ILE A 615 11.36 1.74 27.57
N LEU A 616 10.84 2.00 28.76
CA LEU A 616 11.61 1.80 29.97
C LEU A 616 11.92 0.32 30.22
N ALA A 617 10.89 -0.52 30.13
CA ALA A 617 11.04 -1.97 30.30
C ALA A 617 12.12 -2.57 29.40
N LEU A 618 12.24 -2.05 28.18
CA LEU A 618 13.25 -2.55 27.24
C LEU A 618 14.68 -2.15 27.62
N LYS A 619 14.90 -0.86 27.90
CA LYS A 619 16.21 -0.41 28.43
C LYS A 619 16.58 -1.13 29.73
N GLN A 620 15.58 -1.39 30.57
CA GLN A 620 15.79 -2.17 31.79
C GLN A 620 16.24 -3.61 31.49
N ARG A 621 15.55 -4.30 30.56
CA ARG A 621 15.98 -5.63 30.12
C ARG A 621 17.37 -5.64 29.48
N ILE A 622 17.65 -4.62 28.66
CA ILE A 622 18.97 -4.47 28.02
C ILE A 622 20.07 -4.17 29.05
N SER A 623 19.73 -3.38 30.07
CA SER A 623 20.66 -3.01 31.15
C SER A 623 21.20 -4.24 31.88
N GLN A 624 20.38 -5.30 31.92
CA GLN A 624 20.68 -6.51 32.67
C GLN A 624 21.60 -7.50 31.92
N MET A 625 21.94 -7.17 30.68
CA MET A 625 22.77 -8.07 29.87
C MET A 625 24.23 -7.58 29.79
MN MN B . 1.79 0.33 0.00
C ACT C . 2.40 3.92 -3.42
O ACT C . 2.99 3.69 -2.33
OXT ACT C . 2.86 4.89 -4.07
CH3 ACT C . 1.26 3.10 -3.93
O13 TSX D . 11.04 -9.70 -1.49
C5 TSX D . 12.00 -10.13 -0.88
N4 TSX D . 11.80 -11.13 0.07
C31 TSX D . 10.40 -11.50 0.28
C32 TSX D . 9.89 -12.83 -0.12
C33 TSX D . 8.82 -13.43 0.41
N6 TSX D . 13.23 -9.62 -1.19
C41 TSX D . 13.42 -8.59 -2.23
C42 TSX D . 13.10 -7.17 -1.67
C43 TSX D . 13.33 -6.01 -2.67
C44 TSX D . 12.16 -5.78 -3.65
C7 TSX D . 14.35 -10.14 -0.51
N12 TSX D . 15.62 -9.76 -0.70
C8 TSX D . 14.23 -11.11 0.46
C3 TSX D . 12.85 -11.65 0.79
O12 TSX D . 12.77 -12.53 1.66
N9 TSX D . 15.43 -11.44 0.95
C11 TSX D . 16.28 -10.53 0.20
C14 TSX D . 17.77 -10.48 0.40
C21 TSX D . 18.32 -11.55 -0.53
C22 TSX D . 18.67 -12.83 -0.08
C23 TSX D . 19.16 -13.73 -1.05
C24 TSX D . 19.28 -13.31 -2.40
C25 TSX D . 18.92 -12.04 -2.82
C26 TSX D . 18.44 -11.14 -1.86
N TSX D . 19.76 -14.16 -3.45
C TSX D . 20.57 -15.22 -3.25
O TSX D . 20.98 -15.59 -2.16
C4 TSX D . 20.95 -15.99 -4.50
C1 EDO E . 1.77 -10.59 21.84
O1 EDO E . 2.29 -11.43 20.83
C2 EDO E . 0.56 -9.85 21.32
O2 EDO E . -0.61 -10.61 21.48
C1 EDO F . 7.53 -10.98 -17.32
O1 EDO F . 7.62 -12.37 -17.50
C2 EDO F . 6.08 -10.62 -17.12
O2 EDO F . 5.40 -10.85 -18.32
#